data_2L0G
#
_entry.id   2L0G
#
_entity_poly.entity_id   1
_entity_poly.type   'polypeptide(L)'
_entity_poly.pdbx_seq_one_letter_code
;GHMFPSDIDPQVFYELPEAVQKELLAEWKRTG
;
_entity_poly.pdbx_strand_id   A
#
# COMPACT_ATOMS: atom_id res chain seq x y z
N GLY A 1 -1.63 -9.68 -6.37
CA GLY A 1 -2.16 -8.48 -5.73
C GLY A 1 -3.61 -8.24 -6.10
N HIS A 2 -4.41 -7.73 -5.16
CA HIS A 2 -5.83 -7.44 -5.37
C HIS A 2 -6.17 -6.23 -4.51
N MET A 3 -7.10 -5.38 -4.97
CA MET A 3 -7.42 -4.05 -4.42
C MET A 3 -6.21 -3.17 -4.07
N PHE A 4 -5.03 -3.50 -4.63
CA PHE A 4 -3.73 -2.92 -4.39
C PHE A 4 -2.94 -3.13 -5.69
N PRO A 5 -1.95 -2.27 -6.00
CA PRO A 5 -1.13 -2.26 -7.22
C PRO A 5 -1.19 -3.47 -8.15
N SER A 6 -0.38 -4.50 -7.96
CA SER A 6 -0.42 -5.70 -8.79
C SER A 6 0.24 -6.88 -8.07
N ASP A 7 1.35 -6.63 -7.38
CA ASP A 7 2.09 -7.59 -6.58
C ASP A 7 1.36 -7.78 -5.24
N ILE A 8 1.26 -6.73 -4.43
CA ILE A 8 0.75 -6.76 -3.07
C ILE A 8 -0.71 -7.22 -3.05
N ASP A 9 -0.93 -8.35 -2.41
CA ASP A 9 -2.26 -8.82 -2.07
C ASP A 9 -2.65 -8.12 -0.76
N PRO A 10 -3.93 -7.99 -0.42
CA PRO A 10 -4.38 -7.15 0.68
C PRO A 10 -3.69 -7.55 1.98
N GLN A 11 -3.60 -8.86 2.22
CA GLN A 11 -3.05 -9.35 3.45
C GLN A 11 -1.58 -8.94 3.58
N VAL A 12 -0.82 -9.08 2.48
CA VAL A 12 0.60 -8.77 2.44
C VAL A 12 0.82 -7.27 2.64
N PHE A 13 -0.07 -6.42 2.10
CA PHE A 13 0.02 -4.99 2.39
C PHE A 13 -0.22 -4.71 3.87
N TYR A 14 -1.13 -5.43 4.52
CA TYR A 14 -1.42 -5.18 5.93
C TYR A 14 -0.41 -5.86 6.88
N GLU A 15 0.40 -6.80 6.37
CA GLU A 15 1.54 -7.38 7.08
C GLU A 15 2.71 -6.38 7.15
N LEU A 16 2.68 -5.32 6.32
CA LEU A 16 3.63 -4.22 6.42
C LEU A 16 3.39 -3.46 7.73
N PRO A 17 4.41 -2.83 8.33
CA PRO A 17 4.23 -1.97 9.50
C PRO A 17 3.20 -0.88 9.19
N GLU A 18 2.37 -0.54 10.18
CA GLU A 18 1.31 0.45 10.03
C GLU A 18 1.82 1.79 9.50
N ALA A 19 3.04 2.19 9.90
CA ALA A 19 3.66 3.40 9.40
C ALA A 19 4.13 3.30 7.95
N VAL A 20 4.49 2.10 7.48
CA VAL A 20 4.79 1.91 6.07
C VAL A 20 3.48 2.01 5.27
N GLN A 21 2.38 1.48 5.81
CA GLN A 21 1.12 1.46 5.09
C GLN A 21 0.70 2.90 4.82
N LYS A 22 0.73 3.70 5.88
CA LYS A 22 0.54 5.13 5.85
C LYS A 22 1.39 5.83 4.80
N GLU A 23 2.69 5.55 4.73
CA GLU A 23 3.56 6.20 3.75
C GLU A 23 3.14 5.82 2.33
N LEU A 24 2.81 4.55 2.08
CA LEU A 24 2.29 4.08 0.80
C LEU A 24 0.96 4.73 0.45
N LEU A 25 0.10 5.06 1.41
CA LEU A 25 -1.11 5.85 1.15
C LEU A 25 -0.72 7.23 0.64
N ALA A 26 0.33 7.85 1.22
CA ALA A 26 0.82 9.14 0.78
C ALA A 26 1.54 9.03 -0.58
N GLU A 27 2.23 7.91 -0.86
CA GLU A 27 2.88 7.65 -2.13
C GLU A 27 1.83 7.55 -3.23
N TRP A 28 0.82 6.71 -3.02
CA TRP A 28 -0.28 6.61 -3.97
C TRP A 28 -0.95 7.97 -4.09
N LYS A 29 -1.25 8.69 -3.00
CA LYS A 29 -1.86 10.01 -3.10
C LYS A 29 -0.92 11.08 -3.68
N ARG A 30 0.39 10.86 -3.83
CA ARG A 30 1.29 11.80 -4.52
C ARG A 30 1.65 11.31 -5.91
N THR A 31 1.06 10.21 -6.39
CA THR A 31 1.26 9.71 -7.75
C THR A 31 -0.07 9.53 -8.50
N GLY A 32 -1.21 9.53 -7.79
CA GLY A 32 -2.55 9.58 -8.34
C GLY A 32 -3.43 10.23 -7.30
N GLY A 1 -1.87 -7.90 -5.73
CA GLY A 1 -2.93 -8.80 -6.18
C GLY A 1 -4.28 -8.13 -6.03
N HIS A 2 -5.14 -8.63 -5.14
CA HIS A 2 -6.47 -8.08 -4.93
C HIS A 2 -6.38 -6.67 -4.33
N MET A 3 -7.28 -5.78 -4.74
CA MET A 3 -7.54 -4.45 -4.16
C MET A 3 -6.34 -3.50 -4.05
N PHE A 4 -5.19 -3.84 -4.61
CA PHE A 4 -3.93 -3.15 -4.45
C PHE A 4 -3.13 -3.32 -5.76
N PRO A 5 -1.97 -2.66 -5.92
CA PRO A 5 -1.05 -2.95 -7.02
C PRO A 5 -0.85 -4.46 -7.27
N SER A 6 -0.43 -4.78 -8.50
CA SER A 6 -0.38 -6.13 -9.05
C SER A 6 0.28 -7.16 -8.12
N ASP A 7 1.34 -6.78 -7.41
CA ASP A 7 2.08 -7.64 -6.49
C ASP A 7 1.36 -7.77 -5.15
N ILE A 8 1.30 -6.71 -4.34
CA ILE A 8 0.84 -6.72 -2.96
C ILE A 8 -0.63 -7.13 -2.88
N ASP A 9 -0.90 -8.25 -2.22
CA ASP A 9 -2.28 -8.62 -1.87
C ASP A 9 -2.66 -7.87 -0.59
N PRO A 10 -3.94 -7.69 -0.24
CA PRO A 10 -4.33 -6.87 0.90
C PRO A 10 -3.72 -7.39 2.19
N GLN A 11 -3.64 -8.71 2.33
CA GLN A 11 -3.00 -9.34 3.46
C GLN A 11 -1.55 -8.86 3.56
N VAL A 12 -0.79 -9.01 2.48
CA VAL A 12 0.63 -8.72 2.45
C VAL A 12 0.85 -7.22 2.66
N PHE A 13 -0.07 -6.38 2.17
CA PHE A 13 0.03 -4.94 2.36
C PHE A 13 -0.20 -4.55 3.82
N TYR A 14 -1.14 -5.19 4.53
CA TYR A 14 -1.42 -4.85 5.92
C TYR A 14 -0.47 -5.56 6.88
N GLU A 15 0.23 -6.61 6.43
CA GLU A 15 1.33 -7.25 7.14
C GLU A 15 2.57 -6.35 7.13
N LEU A 16 2.60 -5.29 6.28
CA LEU A 16 3.62 -4.26 6.34
C LEU A 16 3.46 -3.45 7.64
N PRO A 17 4.55 -2.87 8.18
CA PRO A 17 4.47 -2.01 9.36
C PRO A 17 3.47 -0.89 9.13
N GLU A 18 2.74 -0.52 10.19
CA GLU A 18 1.80 0.59 10.26
C GLU A 18 2.20 1.73 9.33
N ALA A 19 3.36 2.33 9.61
CA ALA A 19 3.77 3.52 8.91
C ALA A 19 4.12 3.31 7.44
N VAL A 20 4.49 2.09 7.04
CA VAL A 20 4.70 1.79 5.64
C VAL A 20 3.36 1.82 4.91
N GLN A 21 2.28 1.34 5.55
CA GLN A 21 0.99 1.29 4.91
C GLN A 21 0.54 2.73 4.64
N LYS A 22 0.69 3.55 5.67
CA LYS A 22 0.25 4.93 5.67
C LYS A 22 1.10 5.73 4.69
N GLU A 23 2.42 5.51 4.65
CA GLU A 23 3.30 6.15 3.70
C GLU A 23 2.97 5.72 2.26
N LEU A 24 2.69 4.43 2.01
CA LEU A 24 2.31 3.94 0.68
C LEU A 24 0.98 4.53 0.23
N LEU A 25 0.03 4.74 1.14
CA LEU A 25 -1.22 5.41 0.81
C LEU A 25 -0.96 6.88 0.48
N ALA A 26 -0.08 7.56 1.24
CA ALA A 26 0.33 8.91 0.93
C ALA A 26 1.08 8.96 -0.41
N GLU A 27 1.88 7.95 -0.72
CA GLU A 27 2.64 7.84 -1.95
C GLU A 27 1.66 7.74 -3.11
N TRP A 28 0.73 6.78 -3.07
CA TRP A 28 -0.31 6.63 -4.06
C TRP A 28 -1.31 7.79 -4.06
N LYS A 29 -1.24 8.72 -3.08
CA LYS A 29 -2.01 9.97 -3.10
C LYS A 29 -1.14 11.20 -3.37
N ARG A 30 0.18 11.06 -3.62
CA ARG A 30 1.07 12.13 -4.10
C ARG A 30 1.71 11.78 -5.46
N THR A 31 1.44 10.60 -6.00
CA THR A 31 1.86 10.17 -7.34
C THR A 31 0.64 9.91 -8.24
N GLY A 32 -0.54 9.99 -7.64
CA GLY A 32 -1.88 10.01 -8.21
C GLY A 32 -2.72 10.69 -7.14
N GLY A 1 -0.21 -10.88 -6.81
CA GLY A 1 -0.99 -10.41 -5.67
C GLY A 1 -2.47 -10.62 -5.96
N HIS A 2 -3.32 -9.82 -5.32
CA HIS A 2 -4.76 -9.89 -5.50
C HIS A 2 -5.32 -8.48 -5.31
N MET A 3 -5.93 -7.93 -6.36
CA MET A 3 -6.73 -6.70 -6.36
C MET A 3 -6.17 -5.54 -5.52
N PHE A 4 -4.86 -5.28 -5.57
CA PHE A 4 -4.20 -4.26 -4.76
C PHE A 4 -3.16 -3.54 -5.63
N PRO A 5 -2.71 -2.31 -5.25
CA PRO A 5 -1.56 -1.63 -5.85
C PRO A 5 -0.40 -2.57 -6.13
N SER A 6 0.39 -2.26 -7.17
CA SER A 6 1.67 -2.90 -7.47
C SER A 6 1.66 -4.44 -7.42
N ASP A 7 0.49 -5.05 -7.66
CA ASP A 7 0.21 -6.49 -7.54
C ASP A 7 0.63 -7.11 -6.20
N ILE A 8 0.54 -6.31 -5.13
CA ILE A 8 0.66 -6.77 -3.75
C ILE A 8 -0.63 -7.58 -3.50
N ASP A 9 -0.73 -8.23 -2.35
CA ASP A 9 -1.97 -8.85 -1.88
C ASP A 9 -2.40 -8.04 -0.66
N PRO A 10 -3.70 -7.87 -0.36
CA PRO A 10 -4.12 -6.94 0.65
C PRO A 10 -3.64 -7.37 2.03
N GLN A 11 -3.59 -8.67 2.31
CA GLN A 11 -3.06 -9.13 3.58
C GLN A 11 -1.59 -8.77 3.63
N VAL A 12 -0.84 -9.10 2.56
CA VAL A 12 0.58 -8.82 2.45
C VAL A 12 0.85 -7.33 2.68
N PHE A 13 -0.07 -6.46 2.27
CA PHE A 13 0.08 -5.04 2.47
C PHE A 13 -0.20 -4.63 3.92
N TYR A 14 -1.30 -5.08 4.51
CA TYR A 14 -1.66 -4.65 5.86
C TYR A 14 -0.83 -5.38 6.94
N GLU A 15 -0.10 -6.44 6.57
CA GLU A 15 0.92 -7.09 7.39
C GLU A 15 2.14 -6.18 7.53
N LEU A 16 2.32 -5.21 6.62
CA LEU A 16 3.42 -4.26 6.67
C LEU A 16 3.27 -3.37 7.92
N PRO A 17 4.38 -2.87 8.49
CA PRO A 17 4.35 -1.99 9.65
C PRO A 17 3.45 -0.80 9.37
N GLU A 18 2.79 -0.30 10.41
CA GLU A 18 1.78 0.75 10.31
C GLU A 18 2.26 1.91 9.45
N ALA A 19 3.45 2.41 9.74
CA ALA A 19 3.99 3.56 9.03
C ALA A 19 4.30 3.29 7.57
N VAL A 20 4.65 2.05 7.21
CA VAL A 20 4.86 1.68 5.83
C VAL A 20 3.53 1.72 5.09
N GLN A 21 2.43 1.27 5.72
CA GLN A 21 1.15 1.24 5.05
C GLN A 21 0.74 2.68 4.75
N LYS A 22 0.93 3.54 5.76
CA LYS A 22 0.59 4.93 5.70
C LYS A 22 1.39 5.61 4.57
N GLU A 23 2.71 5.47 4.55
CA GLU A 23 3.54 6.11 3.51
C GLU A 23 3.21 5.57 2.13
N LEU A 24 2.93 4.28 1.98
CA LEU A 24 2.56 3.69 0.69
C LEU A 24 1.22 4.23 0.22
N LEU A 25 0.24 4.43 1.10
CA LEU A 25 -1.02 5.05 0.72
C LEU A 25 -0.82 6.52 0.36
N ALA A 26 0.06 7.25 1.08
CA ALA A 26 0.42 8.60 0.72
C ALA A 26 1.13 8.62 -0.64
N GLU A 27 1.98 7.63 -0.92
CA GLU A 27 2.68 7.48 -2.17
C GLU A 27 1.64 7.30 -3.28
N TRP A 28 0.76 6.32 -3.16
CA TRP A 28 -0.30 6.06 -4.12
C TRP A 28 -1.36 7.18 -4.15
N LYS A 29 -1.29 8.18 -3.24
CA LYS A 29 -2.11 9.39 -3.31
C LYS A 29 -1.30 10.66 -3.65
N ARG A 30 0.01 10.53 -3.92
CA ARG A 30 0.85 11.60 -4.48
C ARG A 30 1.43 11.24 -5.85
N THR A 31 1.29 9.98 -6.27
CA THR A 31 1.66 9.50 -7.61
C THR A 31 0.41 9.17 -8.45
N GLY A 32 -0.74 9.25 -7.81
CA GLY A 32 -2.09 9.22 -8.35
C GLY A 32 -2.93 9.98 -7.32
N GLY A 1 1.88 3.25 -6.98
CA GLY A 1 1.31 4.06 -8.06
C GLY A 1 -0.15 3.74 -8.13
N HIS A 2 -1.02 4.74 -7.94
CA HIS A 2 -2.47 4.59 -7.75
C HIS A 2 -2.75 3.79 -6.46
N MET A 3 -4.03 3.77 -6.04
CA MET A 3 -4.51 3.28 -4.76
C MET A 3 -4.02 1.88 -4.36
N PHE A 4 -3.76 1.00 -5.32
CA PHE A 4 -3.08 -0.26 -5.08
C PHE A 4 -2.41 -0.74 -6.36
N PRO A 5 -1.10 -1.06 -6.32
CA PRO A 5 -0.37 -1.76 -7.37
C PRO A 5 -0.85 -3.22 -7.55
N SER A 6 0.02 -4.13 -8.04
CA SER A 6 -0.29 -5.55 -8.16
C SER A 6 0.92 -6.45 -7.91
N ASP A 7 2.04 -5.90 -7.44
CA ASP A 7 3.22 -6.63 -6.94
C ASP A 7 2.99 -7.19 -5.52
N ILE A 8 1.82 -6.96 -4.93
CA ILE A 8 1.45 -7.26 -3.57
C ILE A 8 -0.03 -7.65 -3.55
N ASP A 9 -0.44 -8.28 -2.44
CA ASP A 9 -1.82 -8.57 -2.10
C ASP A 9 -2.25 -7.54 -1.03
N PRO A 10 -3.54 -7.15 -0.93
CA PRO A 10 -3.98 -6.09 -0.05
C PRO A 10 -3.83 -6.43 1.43
N GLN A 11 -4.08 -7.70 1.81
CA GLN A 11 -3.89 -8.12 3.18
C GLN A 11 -2.41 -8.10 3.51
N VAL A 12 -1.58 -8.67 2.62
CA VAL A 12 -0.14 -8.72 2.77
C VAL A 12 0.39 -7.29 2.96
N PHE A 13 -0.14 -6.34 2.19
CA PHE A 13 0.18 -4.94 2.37
C PHE A 13 -0.27 -4.38 3.72
N TYR A 14 -1.54 -4.53 4.11
CA TYR A 14 -2.04 -3.85 5.29
C TYR A 14 -1.43 -4.43 6.57
N GLU A 15 -1.01 -5.70 6.55
CA GLU A 15 -0.26 -6.36 7.61
C GLU A 15 1.19 -5.85 7.71
N LEU A 16 1.66 -5.01 6.77
CA LEU A 16 2.94 -4.32 6.91
C LEU A 16 2.87 -3.35 8.10
N PRO A 17 4.02 -3.01 8.73
CA PRO A 17 4.06 -2.13 9.89
C PRO A 17 3.37 -0.82 9.56
N GLU A 18 2.66 -0.27 10.54
CA GLU A 18 1.81 0.90 10.35
C GLU A 18 2.50 2.04 9.61
N ALA A 19 3.77 2.30 9.93
CA ALA A 19 4.50 3.38 9.29
C ALA A 19 4.91 3.08 7.85
N VAL A 20 5.18 1.81 7.54
CA VAL A 20 5.38 1.40 6.15
C VAL A 20 4.06 1.58 5.42
N GLN A 21 2.97 1.09 5.99
CA GLN A 21 1.65 1.19 5.44
C GLN A 21 1.29 2.65 5.15
N LYS A 22 1.60 3.56 6.07
CA LYS A 22 1.29 4.97 5.90
C LYS A 22 2.04 5.55 4.72
N GLU A 23 3.34 5.27 4.56
CA GLU A 23 4.10 5.86 3.46
C GLU A 23 3.70 5.27 2.11
N LEU A 24 3.45 3.96 2.02
CA LEU A 24 2.95 3.32 0.81
C LEU A 24 1.57 3.86 0.44
N LEU A 25 0.64 3.97 1.40
CA LEU A 25 -0.66 4.59 1.15
C LEU A 25 -0.46 6.03 0.67
N ALA A 26 0.51 6.75 1.25
CA ALA A 26 0.79 8.11 0.83
C ALA A 26 1.32 8.14 -0.61
N GLU A 27 2.25 7.25 -1.02
CA GLU A 27 2.67 7.13 -2.42
C GLU A 27 1.43 6.95 -3.30
N TRP A 28 0.58 6.00 -2.91
CA TRP A 28 -0.63 5.62 -3.64
C TRP A 28 -1.70 6.69 -3.63
N LYS A 29 -1.54 7.76 -2.83
CA LYS A 29 -2.38 8.96 -2.89
C LYS A 29 -1.62 10.17 -3.45
N ARG A 30 -0.33 10.06 -3.74
CA ARG A 30 0.44 11.05 -4.50
C ARG A 30 0.39 10.71 -5.99
N THR A 31 -0.17 9.56 -6.39
CA THR A 31 -0.07 9.03 -7.75
C THR A 31 -1.42 8.59 -8.36
N GLY A 32 -2.54 8.81 -7.67
CA GLY A 32 -3.86 8.36 -8.09
C GLY A 32 -4.65 8.11 -6.83
N GLY A 1 -1.29 -8.47 -6.62
CA GLY A 1 -2.04 -7.30 -7.10
C GLY A 1 -3.33 -7.67 -7.79
N HIS A 2 -4.41 -7.79 -7.01
CA HIS A 2 -5.79 -7.95 -7.48
C HIS A 2 -6.67 -6.88 -6.84
N MET A 3 -6.26 -6.32 -5.70
CA MET A 3 -6.92 -5.22 -4.99
C MET A 3 -5.89 -4.16 -4.52
N PHE A 4 -4.61 -4.33 -4.85
CA PHE A 4 -3.51 -3.41 -4.61
C PHE A 4 -2.60 -3.45 -5.86
N PRO A 5 -1.54 -2.62 -5.98
CA PRO A 5 -0.52 -2.76 -7.03
C PRO A 5 -0.12 -4.20 -7.36
N SER A 6 0.39 -4.41 -8.57
CA SER A 6 0.64 -5.69 -9.21
C SER A 6 1.22 -6.80 -8.32
N ASP A 7 2.14 -6.47 -7.41
CA ASP A 7 2.76 -7.41 -6.49
C ASP A 7 1.85 -7.63 -5.26
N ILE A 8 1.68 -6.62 -4.41
CA ILE A 8 0.98 -6.69 -3.12
C ILE A 8 -0.49 -7.05 -3.28
N ASP A 9 -1.12 -7.52 -2.21
CA ASP A 9 -2.57 -7.70 -2.09
C ASP A 9 -2.95 -7.33 -0.66
N PRO A 10 -4.23 -7.14 -0.32
CA PRO A 10 -4.62 -6.54 0.95
C PRO A 10 -4.04 -7.24 2.15
N GLN A 11 -3.97 -8.58 2.09
CA GLN A 11 -3.46 -9.31 3.23
C GLN A 11 -2.02 -8.86 3.48
N VAL A 12 -1.21 -8.97 2.42
CA VAL A 12 0.23 -8.74 2.48
C VAL A 12 0.51 -7.26 2.77
N PHE A 13 -0.35 -6.36 2.28
CA PHE A 13 -0.20 -4.94 2.50
C PHE A 13 -0.55 -4.55 3.94
N TYR A 14 -1.55 -5.19 4.55
CA TYR A 14 -1.92 -4.89 5.92
C TYR A 14 -1.03 -5.66 6.92
N GLU A 15 -0.32 -6.70 6.48
CA GLU A 15 0.73 -7.38 7.25
C GLU A 15 1.99 -6.49 7.37
N LEU A 16 2.07 -5.40 6.59
CA LEU A 16 3.14 -4.42 6.67
C LEU A 16 2.96 -3.56 7.93
N PRO A 17 4.03 -2.99 8.53
CA PRO A 17 3.92 -2.04 9.64
C PRO A 17 3.06 -0.83 9.26
N GLU A 18 2.47 -0.16 10.25
CA GLU A 18 1.68 1.06 10.04
C GLU A 18 2.45 2.06 9.19
N ALA A 19 3.75 2.21 9.46
CA ALA A 19 4.53 3.19 8.75
C ALA A 19 4.55 2.86 7.29
N VAL A 20 4.93 1.63 6.94
CA VAL A 20 4.98 1.24 5.54
C VAL A 20 3.59 1.38 4.90
N GLN A 21 2.49 1.16 5.64
CA GLN A 21 1.18 1.26 5.02
C GLN A 21 0.91 2.72 4.68
N LYS A 22 1.00 3.57 5.69
CA LYS A 22 0.58 4.95 5.62
C LYS A 22 1.54 5.82 4.80
N GLU A 23 2.85 5.51 4.78
CA GLU A 23 3.77 6.17 3.87
C GLU A 23 3.45 5.73 2.44
N LEU A 24 3.12 4.45 2.19
CA LEU A 24 2.69 4.00 0.86
C LEU A 24 1.37 4.67 0.47
N LEU A 25 0.45 4.89 1.43
CA LEU A 25 -0.79 5.61 1.14
C LEU A 25 -0.47 7.05 0.71
N ALA A 26 0.48 7.72 1.37
CA ALA A 26 0.87 9.08 1.00
C ALA A 26 1.59 9.09 -0.35
N GLU A 27 2.48 8.12 -0.57
CA GLU A 27 3.26 7.97 -1.78
C GLU A 27 2.33 7.81 -2.98
N TRP A 28 1.40 6.87 -2.93
CA TRP A 28 0.42 6.69 -3.99
C TRP A 28 -0.53 7.89 -4.08
N LYS A 29 -0.85 8.56 -2.96
CA LYS A 29 -1.65 9.79 -2.99
C LYS A 29 -0.97 10.89 -3.79
N ARG A 30 0.36 10.90 -3.93
CA ARG A 30 1.04 11.82 -4.85
C ARG A 30 0.68 11.58 -6.33
N THR A 31 0.05 10.46 -6.67
CA THR A 31 -0.14 10.02 -8.06
C THR A 31 -1.58 9.64 -8.41
N GLY A 32 -2.44 9.40 -7.42
CA GLY A 32 -3.85 9.11 -7.61
C GLY A 32 -4.52 9.43 -6.30
N GLY A 1 -2.44 -8.55 -5.73
CA GLY A 1 -3.32 -7.40 -5.46
C GLY A 1 -4.79 -7.65 -5.71
N HIS A 2 -5.49 -8.32 -4.78
CA HIS A 2 -6.95 -8.46 -4.80
C HIS A 2 -7.65 -7.07 -4.73
N MET A 3 -7.09 -6.11 -3.99
CA MET A 3 -7.62 -4.76 -3.86
C MET A 3 -6.48 -3.75 -3.65
N PHE A 4 -5.34 -4.01 -4.29
CA PHE A 4 -4.07 -3.29 -4.16
C PHE A 4 -3.36 -3.41 -5.52
N PRO A 5 -2.23 -2.70 -5.76
CA PRO A 5 -1.38 -2.96 -6.92
C PRO A 5 -1.22 -4.46 -7.22
N SER A 6 -1.13 -4.80 -8.50
CA SER A 6 -1.21 -6.16 -9.01
C SER A 6 -0.38 -7.18 -8.25
N ASP A 7 0.82 -6.79 -7.83
CA ASP A 7 1.73 -7.52 -6.98
C ASP A 7 1.15 -7.69 -5.56
N ILE A 8 1.32 -6.71 -4.68
CA ILE A 8 1.02 -6.79 -3.25
C ILE A 8 -0.43 -7.22 -3.04
N ASP A 9 -0.65 -8.35 -2.41
CA ASP A 9 -1.99 -8.73 -2.00
C ASP A 9 -2.30 -8.03 -0.67
N PRO A 10 -3.58 -7.75 -0.35
CA PRO A 10 -3.95 -6.90 0.77
C PRO A 10 -3.40 -7.44 2.08
N GLN A 11 -3.38 -8.76 2.23
CA GLN A 11 -2.85 -9.41 3.41
C GLN A 11 -1.40 -8.95 3.61
N VAL A 12 -0.58 -9.14 2.57
CA VAL A 12 0.85 -8.84 2.59
C VAL A 12 1.06 -7.35 2.87
N PHE A 13 0.19 -6.50 2.32
CA PHE A 13 0.29 -5.07 2.53
C PHE A 13 -0.05 -4.68 3.96
N TYR A 14 -1.07 -5.28 4.58
CA TYR A 14 -1.41 -4.97 5.96
C TYR A 14 -0.44 -5.64 6.95
N GLU A 15 0.27 -6.69 6.54
CA GLU A 15 1.38 -7.28 7.29
C GLU A 15 2.61 -6.34 7.31
N LEU A 16 2.63 -5.29 6.50
CA LEU A 16 3.63 -4.23 6.59
C LEU A 16 3.38 -3.41 7.86
N PRO A 17 4.43 -2.79 8.45
CA PRO A 17 4.26 -1.92 9.61
C PRO A 17 3.23 -0.84 9.32
N GLU A 18 2.50 -0.43 10.36
CA GLU A 18 1.47 0.59 10.30
C GLU A 18 1.90 1.76 9.42
N ALA A 19 3.03 2.38 9.76
CA ALA A 19 3.45 3.58 9.08
C ALA A 19 3.90 3.34 7.64
N VAL A 20 4.35 2.14 7.30
CA VAL A 20 4.69 1.83 5.92
C VAL A 20 3.41 1.85 5.10
N GLN A 21 2.34 1.22 5.59
CA GLN A 21 1.06 1.20 4.91
C GLN A 21 0.61 2.63 4.62
N LYS A 22 0.77 3.51 5.61
CA LYS A 22 0.27 4.87 5.54
C LYS A 22 1.14 5.71 4.60
N GLU A 23 2.46 5.56 4.63
CA GLU A 23 3.34 6.23 3.68
C GLU A 23 3.05 5.77 2.26
N LEU A 24 2.80 4.48 2.03
CA LEU A 24 2.47 3.94 0.71
C LEU A 24 1.14 4.51 0.21
N LEU A 25 0.14 4.68 1.07
CA LEU A 25 -1.11 5.31 0.69
C LEU A 25 -0.87 6.80 0.35
N ALA A 26 -0.08 7.50 1.17
CA ALA A 26 0.30 8.87 0.89
C ALA A 26 1.08 8.96 -0.42
N GLU A 27 1.93 7.98 -0.71
CA GLU A 27 2.72 7.90 -1.93
C GLU A 27 1.76 7.79 -3.10
N TRP A 28 0.87 6.80 -3.08
CA TRP A 28 -0.17 6.60 -4.08
C TRP A 28 -1.22 7.73 -4.09
N LYS A 29 -1.13 8.73 -3.20
CA LYS A 29 -1.92 9.97 -3.26
C LYS A 29 -1.08 11.24 -3.43
N ARG A 30 0.25 11.12 -3.61
CA ARG A 30 1.14 12.23 -3.99
C ARG A 30 1.81 11.96 -5.35
N THR A 31 1.39 10.92 -6.06
CA THR A 31 1.92 10.52 -7.36
C THR A 31 0.81 10.41 -8.43
N GLY A 32 -0.44 10.61 -8.02
CA GLY A 32 -1.66 10.42 -8.77
C GLY A 32 -2.76 10.32 -7.72
N GLY A 1 -2.86 -6.91 -6.09
CA GLY A 1 -2.95 -8.11 -6.93
C GLY A 1 -4.39 -8.25 -7.34
N HIS A 2 -5.17 -9.09 -6.65
CA HIS A 2 -6.63 -9.13 -6.80
C HIS A 2 -7.27 -7.83 -6.29
N MET A 3 -6.58 -7.10 -5.40
CA MET A 3 -6.93 -5.78 -4.89
C MET A 3 -5.59 -5.12 -4.52
N PHE A 4 -5.52 -3.79 -4.40
CA PHE A 4 -4.23 -3.06 -4.29
C PHE A 4 -3.40 -3.23 -5.58
N PRO A 5 -2.35 -2.40 -5.81
CA PRO A 5 -1.36 -2.59 -6.86
C PRO A 5 -0.86 -4.04 -7.02
N SER A 6 -0.36 -4.38 -8.20
CA SER A 6 0.04 -5.74 -8.58
C SER A 6 1.14 -6.32 -7.70
N ASP A 7 2.01 -5.46 -7.18
CA ASP A 7 3.17 -5.75 -6.33
C ASP A 7 2.81 -6.24 -4.93
N ILE A 8 1.54 -6.18 -4.51
CA ILE A 8 1.07 -6.49 -3.19
C ILE A 8 -0.33 -7.12 -3.30
N ASP A 9 -0.97 -7.45 -2.18
CA ASP A 9 -2.38 -7.83 -2.09
C ASP A 9 -2.80 -7.42 -0.67
N PRO A 10 -4.10 -7.30 -0.34
CA PRO A 10 -4.52 -6.70 0.92
C PRO A 10 -3.94 -7.37 2.15
N GLN A 11 -3.82 -8.70 2.09
CA GLN A 11 -3.32 -9.41 3.25
C GLN A 11 -1.89 -8.93 3.52
N VAL A 12 -1.05 -9.00 2.48
CA VAL A 12 0.36 -8.73 2.57
C VAL A 12 0.58 -7.24 2.84
N PHE A 13 -0.28 -6.36 2.32
CA PHE A 13 -0.18 -4.94 2.57
C PHE A 13 -0.44 -4.61 4.03
N TYR A 14 -1.39 -5.29 4.67
CA TYR A 14 -1.67 -5.07 6.07
C TYR A 14 -0.69 -5.84 6.97
N GLU A 15 0.03 -6.84 6.44
CA GLU A 15 1.16 -7.49 7.12
C GLU A 15 2.41 -6.57 7.11
N LEU A 16 2.41 -5.50 6.29
CA LEU A 16 3.45 -4.49 6.35
C LEU A 16 3.31 -3.70 7.66
N PRO A 17 4.40 -3.11 8.20
CA PRO A 17 4.31 -2.24 9.36
C PRO A 17 3.31 -1.11 9.13
N GLU A 18 2.59 -0.71 10.16
CA GLU A 18 1.54 0.31 10.08
C GLU A 18 2.04 1.64 9.49
N ALA A 19 3.28 2.02 9.75
CA ALA A 19 3.86 3.19 9.11
C ALA A 19 4.15 2.96 7.62
N VAL A 20 4.61 1.77 7.23
CA VAL A 20 4.79 1.50 5.81
C VAL A 20 3.43 1.59 5.10
N GLN A 21 2.34 1.14 5.74
CA GLN A 21 1.02 1.26 5.15
C GLN A 21 0.71 2.74 4.88
N LYS A 22 0.85 3.58 5.91
CA LYS A 22 0.63 5.03 5.80
C LYS A 22 1.42 5.66 4.67
N GLU A 23 2.72 5.41 4.63
CA GLU A 23 3.62 6.10 3.72
C GLU A 23 3.32 5.68 2.29
N LEU A 24 2.97 4.41 2.07
CA LEU A 24 2.50 3.92 0.79
C LEU A 24 1.21 4.63 0.39
N LEU A 25 0.29 4.91 1.32
CA LEU A 25 -0.89 5.71 1.00
C LEU A 25 -0.48 7.11 0.56
N ALA A 26 0.55 7.71 1.17
CA ALA A 26 1.03 9.03 0.82
C ALA A 26 1.68 9.03 -0.56
N GLU A 27 2.53 8.04 -0.87
CA GLU A 27 3.15 7.91 -2.18
C GLU A 27 2.07 7.75 -3.23
N TRP A 28 1.15 6.80 -3.05
CA TRP A 28 0.06 6.58 -3.99
C TRP A 28 -0.77 7.85 -4.14
N LYS A 29 -1.15 8.53 -3.06
CA LYS A 29 -1.98 9.72 -3.21
C LYS A 29 -1.24 10.88 -3.89
N ARG A 30 0.10 10.91 -3.92
CA ARG A 30 0.84 11.88 -4.73
C ARG A 30 1.01 11.42 -6.19
N THR A 31 0.61 10.22 -6.57
CA THR A 31 0.91 9.64 -7.88
C THR A 31 -0.36 9.17 -8.61
N GLY A 32 -1.49 9.03 -7.91
CA GLY A 32 -2.82 8.79 -8.44
C GLY A 32 -3.79 9.27 -7.39
N GLY A 1 -2.83 -7.19 -6.35
CA GLY A 1 -3.21 -8.21 -7.31
C GLY A 1 -4.70 -8.14 -7.52
N HIS A 2 -5.49 -8.71 -6.60
CA HIS A 2 -6.94 -8.72 -6.65
C HIS A 2 -7.58 -7.47 -6.01
N MET A 3 -6.85 -6.67 -5.21
CA MET A 3 -7.43 -5.52 -4.53
C MET A 3 -6.45 -4.37 -4.32
N PHE A 4 -5.16 -4.66 -4.09
CA PHE A 4 -4.10 -3.64 -4.06
C PHE A 4 -3.36 -3.67 -5.42
N PRO A 5 -2.39 -2.76 -5.67
CA PRO A 5 -1.46 -2.85 -6.80
C PRO A 5 -0.91 -4.25 -7.08
N SER A 6 -0.39 -4.47 -8.29
CA SER A 6 -0.02 -5.80 -8.80
C SER A 6 0.98 -6.57 -7.92
N ASP A 7 1.82 -5.88 -7.15
CA ASP A 7 2.93 -6.42 -6.36
C ASP A 7 2.53 -6.79 -4.93
N ILE A 8 1.32 -6.46 -4.49
CA ILE A 8 0.83 -6.63 -3.12
C ILE A 8 -0.62 -7.10 -3.18
N ASP A 9 -1.20 -7.50 -2.04
CA ASP A 9 -2.62 -7.75 -1.89
C ASP A 9 -2.96 -7.49 -0.43
N PRO A 10 -4.24 -7.45 0.01
CA PRO A 10 -4.59 -6.96 1.33
C PRO A 10 -3.85 -7.68 2.43
N GLN A 11 -3.64 -9.00 2.27
CA GLN A 11 -2.92 -9.72 3.29
C GLN A 11 -1.50 -9.13 3.39
N VAL A 12 -0.80 -9.10 2.26
CA VAL A 12 0.60 -8.72 2.16
C VAL A 12 0.77 -7.27 2.57
N PHE A 13 -0.19 -6.39 2.24
CA PHE A 13 -0.12 -4.99 2.55
C PHE A 13 -0.35 -4.74 4.03
N TYR A 14 -1.25 -5.49 4.66
CA TYR A 14 -1.51 -5.31 6.08
C TYR A 14 -0.47 -6.04 6.93
N GLU A 15 0.31 -6.97 6.34
CA GLU A 15 1.48 -7.57 6.96
C GLU A 15 2.66 -6.57 7.00
N LEU A 16 2.58 -5.47 6.25
CA LEU A 16 3.55 -4.38 6.33
C LEU A 16 3.34 -3.60 7.63
N PRO A 17 4.37 -2.96 8.20
CA PRO A 17 4.21 -2.07 9.34
C PRO A 17 3.16 -1.00 9.04
N GLU A 18 2.35 -0.65 10.04
CA GLU A 18 1.29 0.35 9.91
C GLU A 18 1.82 1.70 9.39
N ALA A 19 3.06 2.06 9.78
CA ALA A 19 3.68 3.27 9.27
C ALA A 19 4.11 3.15 7.81
N VAL A 20 4.47 1.95 7.33
CA VAL A 20 4.74 1.75 5.91
C VAL A 20 3.42 1.87 5.15
N GLN A 21 2.34 1.28 5.67
CA GLN A 21 1.04 1.34 5.03
C GLN A 21 0.67 2.80 4.78
N LYS A 22 0.78 3.62 5.83
CA LYS A 22 0.55 5.07 5.74
C LYS A 22 1.39 5.75 4.66
N GLU A 23 2.69 5.46 4.59
CA GLU A 23 3.58 6.10 3.61
C GLU A 23 3.17 5.73 2.19
N LEU A 24 2.81 4.46 1.97
CA LEU A 24 2.29 3.95 0.70
C LEU A 24 0.99 4.62 0.31
N LEU A 25 0.13 5.01 1.26
CA LEU A 25 -1.04 5.83 0.92
C LEU A 25 -0.59 7.20 0.43
N ALA A 26 0.40 7.81 1.07
CA ALA A 26 0.95 9.09 0.63
C ALA A 26 1.57 8.95 -0.76
N GLU A 27 2.26 7.84 -1.05
CA GLU A 27 2.80 7.55 -2.37
C GLU A 27 1.65 7.50 -3.37
N TRP A 28 0.64 6.66 -3.12
CA TRP A 28 -0.54 6.54 -3.97
C TRP A 28 -1.47 7.75 -3.86
N LYS A 29 -1.09 8.81 -3.12
CA LYS A 29 -1.76 10.10 -3.11
C LYS A 29 -0.81 11.27 -3.46
N ARG A 30 0.41 10.96 -3.93
CA ARG A 30 1.35 11.93 -4.52
C ARG A 30 1.73 11.52 -5.94
N THR A 31 1.12 10.45 -6.47
CA THR A 31 1.34 9.93 -7.82
C THR A 31 0.04 9.90 -8.64
N GLY A 32 -1.09 10.20 -7.98
CA GLY A 32 -2.45 10.17 -8.46
C GLY A 32 -3.33 10.34 -7.23
N GLY A 1 -0.94 6.60 -7.65
CA GLY A 1 -1.51 6.06 -8.89
C GLY A 1 -2.30 4.82 -8.53
N HIS A 2 -3.63 4.91 -8.55
CA HIS A 2 -4.55 3.88 -8.06
C HIS A 2 -4.36 3.66 -6.55
N MET A 3 -5.01 2.64 -5.97
CA MET A 3 -5.05 2.39 -4.53
C MET A 3 -4.14 1.23 -4.13
N PHE A 4 -3.84 0.32 -5.06
CA PHE A 4 -2.86 -0.75 -4.88
C PHE A 4 -2.26 -1.16 -6.24
N PRO A 5 -1.03 -1.70 -6.25
CA PRO A 5 -0.39 -2.37 -7.40
C PRO A 5 -1.09 -3.70 -7.74
N SER A 6 -0.38 -4.61 -8.44
CA SER A 6 -0.91 -5.89 -8.90
C SER A 6 0.11 -7.00 -8.61
N ASP A 7 0.61 -7.03 -7.37
CA ASP A 7 1.75 -7.85 -6.96
C ASP A 7 1.64 -8.17 -5.47
N ILE A 8 1.60 -7.14 -4.63
CA ILE A 8 1.28 -7.28 -3.22
C ILE A 8 -0.19 -7.64 -3.08
N ASP A 9 -0.47 -8.69 -2.31
CA ASP A 9 -1.83 -8.98 -1.90
C ASP A 9 -2.18 -7.94 -0.82
N PRO A 10 -3.40 -7.37 -0.80
CA PRO A 10 -3.74 -6.30 0.12
C PRO A 10 -3.55 -6.71 1.57
N GLN A 11 -3.85 -7.97 1.92
CA GLN A 11 -3.69 -8.44 3.28
C GLN A 11 -2.21 -8.50 3.64
N VAL A 12 -1.35 -8.97 2.73
CA VAL A 12 0.10 -9.02 2.93
C VAL A 12 0.63 -7.60 3.12
N PHE A 13 0.14 -6.64 2.33
CA PHE A 13 0.50 -5.25 2.54
C PHE A 13 0.06 -4.72 3.89
N TYR A 14 -1.13 -5.10 4.36
CA TYR A 14 -1.62 -4.59 5.64
C TYR A 14 -0.96 -5.30 6.83
N GLU A 15 -0.21 -6.40 6.62
CA GLU A 15 0.66 -7.00 7.64
C GLU A 15 1.90 -6.13 7.87
N LEU A 16 2.26 -5.27 6.90
CA LEU A 16 3.35 -4.33 7.04
C LEU A 16 3.06 -3.36 8.21
N PRO A 17 4.09 -2.83 8.90
CA PRO A 17 3.91 -1.89 10.00
C PRO A 17 3.06 -0.72 9.57
N GLU A 18 2.31 -0.17 10.53
CA GLU A 18 1.45 0.99 10.40
C GLU A 18 2.06 2.02 9.45
N ALA A 19 3.22 2.55 9.81
CA ALA A 19 3.82 3.64 9.07
C ALA A 19 4.33 3.25 7.70
N VAL A 20 4.71 1.98 7.51
CA VAL A 20 5.11 1.53 6.19
C VAL A 20 3.89 1.60 5.28
N GLN A 21 2.74 1.12 5.77
CA GLN A 21 1.51 1.20 4.99
C GLN A 21 1.25 2.65 4.63
N LYS A 22 1.31 3.53 5.64
CA LYS A 22 0.86 4.91 5.48
C LYS A 22 1.75 5.68 4.52
N GLU A 23 3.05 5.42 4.44
CA GLU A 23 3.88 6.04 3.42
C GLU A 23 3.48 5.52 2.04
N LEU A 24 3.38 4.20 1.85
CA LEU A 24 3.00 3.62 0.55
C LEU A 24 1.61 4.11 0.11
N LEU A 25 0.66 4.25 1.03
CA LEU A 25 -0.67 4.77 0.76
C LEU A 25 -0.58 6.27 0.41
N ALA A 26 0.22 7.05 1.13
CA ALA A 26 0.40 8.47 0.86
C ALA A 26 1.18 8.70 -0.43
N GLU A 27 2.05 7.76 -0.83
CA GLU A 27 2.71 7.76 -2.11
C GLU A 27 1.65 7.50 -3.17
N TRP A 28 0.97 6.36 -3.11
CA TRP A 28 -0.05 6.04 -4.10
C TRP A 28 -1.15 7.09 -4.16
N LYS A 29 -1.38 7.95 -3.15
CA LYS A 29 -2.28 9.09 -3.30
C LYS A 29 -1.57 10.34 -3.78
N ARG A 30 -0.31 10.60 -3.42
CA ARG A 30 0.36 11.78 -3.96
C ARG A 30 0.55 11.64 -5.47
N THR A 31 0.50 10.42 -6.01
CA THR A 31 0.57 10.14 -7.43
C THR A 31 -0.80 9.73 -8.00
N GLY A 32 -1.92 10.07 -7.36
CA GLY A 32 -3.26 9.82 -7.87
C GLY A 32 -3.90 8.67 -7.14
N GLY A 1 -1.59 -9.02 -6.09
CA GLY A 1 -2.31 -9.89 -7.03
C GLY A 1 -3.47 -9.15 -7.66
N HIS A 2 -4.54 -8.85 -6.91
CA HIS A 2 -5.79 -8.33 -7.49
C HIS A 2 -6.45 -7.21 -6.67
N MET A 3 -6.08 -6.99 -5.41
CA MET A 3 -6.83 -6.08 -4.53
C MET A 3 -5.94 -4.99 -3.92
N PHE A 4 -4.70 -4.88 -4.39
CA PHE A 4 -3.72 -3.83 -4.15
C PHE A 4 -2.88 -3.79 -5.45
N PRO A 5 -2.08 -2.72 -5.72
CA PRO A 5 -1.41 -2.44 -6.98
C PRO A 5 -1.31 -3.53 -8.05
N SER A 6 -0.46 -4.53 -7.90
CA SER A 6 -0.43 -5.69 -8.80
C SER A 6 0.29 -6.86 -8.15
N ASP A 7 1.40 -6.60 -7.46
CA ASP A 7 2.20 -7.56 -6.73
C ASP A 7 1.56 -7.81 -5.36
N ILE A 8 1.45 -6.76 -4.54
CA ILE A 8 0.86 -6.79 -3.21
C ILE A 8 -0.63 -7.17 -3.28
N ASP A 9 -1.15 -7.70 -2.16
CA ASP A 9 -2.55 -7.99 -1.90
C ASP A 9 -2.81 -7.54 -0.46
N PRO A 10 -4.07 -7.41 -0.01
CA PRO A 10 -4.40 -6.76 1.26
C PRO A 10 -3.74 -7.41 2.45
N GLN A 11 -3.61 -8.73 2.42
CA GLN A 11 -2.98 -9.43 3.54
C GLN A 11 -1.53 -8.93 3.63
N VAL A 12 -0.82 -9.05 2.52
CA VAL A 12 0.60 -8.75 2.39
C VAL A 12 0.84 -7.29 2.75
N PHE A 13 -0.07 -6.41 2.32
CA PHE A 13 0.05 -4.99 2.55
C PHE A 13 -0.16 -4.63 4.01
N TYR A 14 -1.11 -5.26 4.70
CA TYR A 14 -1.36 -4.96 6.10
C TYR A 14 -0.38 -5.71 7.02
N GLU A 15 0.30 -6.74 6.51
CA GLU A 15 1.42 -7.40 7.19
C GLU A 15 2.67 -6.49 7.20
N LEU A 16 2.64 -5.39 6.43
CA LEU A 16 3.66 -4.34 6.47
C LEU A 16 3.44 -3.48 7.72
N PRO A 17 4.50 -2.85 8.28
CA PRO A 17 4.38 -1.98 9.43
C PRO A 17 3.38 -0.86 9.17
N GLU A 18 2.67 -0.43 10.22
CA GLU A 18 1.63 0.59 10.15
C GLU A 18 2.07 1.81 9.35
N ALA A 19 3.25 2.34 9.67
CA ALA A 19 3.73 3.53 8.99
C ALA A 19 4.08 3.30 7.53
N VAL A 20 4.46 2.09 7.14
CA VAL A 20 4.66 1.77 5.74
C VAL A 20 3.33 1.75 5.01
N GLN A 21 2.25 1.27 5.66
CA GLN A 21 0.95 1.20 5.02
C GLN A 21 0.47 2.62 4.73
N LYS A 22 0.61 3.46 5.75
CA LYS A 22 0.26 4.86 5.69
C LYS A 22 1.07 5.56 4.59
N GLU A 23 2.40 5.37 4.59
CA GLU A 23 3.29 6.05 3.65
C GLU A 23 3.04 5.59 2.21
N LEU A 24 2.78 4.30 1.97
CA LEU A 24 2.48 3.78 0.64
C LEU A 24 1.17 4.38 0.12
N LEU A 25 0.14 4.51 0.98
CA LEU A 25 -1.09 5.18 0.57
C LEU A 25 -0.82 6.67 0.28
N ALA A 26 -0.01 7.33 1.11
CA ALA A 26 0.38 8.71 0.86
C ALA A 26 1.13 8.83 -0.47
N GLU A 27 2.00 7.88 -0.78
CA GLU A 27 2.75 7.83 -2.03
C GLU A 27 1.76 7.72 -3.18
N TRP A 28 0.89 6.72 -3.15
CA TRP A 28 -0.17 6.51 -4.13
C TRP A 28 -1.25 7.59 -4.09
N LYS A 29 -1.14 8.60 -3.22
CA LYS A 29 -1.99 9.81 -3.24
C LYS A 29 -1.17 11.10 -3.37
N ARG A 30 0.14 11.04 -3.60
CA ARG A 30 0.98 12.20 -3.94
C ARG A 30 1.63 12.01 -5.31
N THR A 31 1.17 11.04 -6.11
CA THR A 31 1.72 10.69 -7.42
C THR A 31 0.63 10.61 -8.51
N GLY A 32 -0.63 10.72 -8.09
CA GLY A 32 -1.85 10.49 -8.83
C GLY A 32 -2.89 10.23 -7.76
N GLY A 1 -2.10 -7.76 -5.71
CA GLY A 1 -3.28 -7.36 -6.51
C GLY A 1 -4.54 -7.41 -5.66
N HIS A 2 -5.67 -7.83 -6.27
CA HIS A 2 -6.96 -8.13 -5.64
C HIS A 2 -7.74 -6.87 -5.21
N MET A 3 -7.13 -5.99 -4.43
CA MET A 3 -7.68 -4.65 -4.12
C MET A 3 -6.53 -3.66 -3.84
N PHE A 4 -5.33 -4.01 -4.25
CA PHE A 4 -4.10 -3.22 -4.15
C PHE A 4 -3.38 -3.36 -5.49
N PRO A 5 -2.30 -2.58 -5.74
CA PRO A 5 -1.40 -2.78 -6.88
C PRO A 5 -1.14 -4.25 -7.21
N SER A 6 -0.89 -4.51 -8.49
CA SER A 6 -0.85 -5.84 -9.09
C SER A 6 -0.09 -6.88 -8.28
N ASP A 7 1.04 -6.49 -7.72
CA ASP A 7 1.91 -7.28 -6.86
C ASP A 7 1.27 -7.57 -5.48
N ILE A 8 1.32 -6.64 -4.54
CA ILE A 8 0.97 -6.78 -3.12
C ILE A 8 -0.43 -7.36 -2.92
N ASP A 9 -0.49 -8.56 -2.36
CA ASP A 9 -1.76 -9.11 -1.89
C ASP A 9 -2.22 -8.25 -0.69
N PRO A 10 -3.52 -7.99 -0.46
CA PRO A 10 -3.96 -7.13 0.62
C PRO A 10 -3.51 -7.64 1.99
N GLN A 11 -3.39 -8.97 2.16
CA GLN A 11 -2.98 -9.53 3.44
C GLN A 11 -1.52 -9.13 3.72
N VAL A 12 -0.66 -9.27 2.70
CA VAL A 12 0.74 -8.82 2.76
C VAL A 12 0.78 -7.33 3.03
N PHE A 13 -0.08 -6.54 2.36
CA PHE A 13 -0.03 -5.10 2.50
C PHE A 13 -0.30 -4.66 3.93
N TYR A 14 -1.24 -5.30 4.64
CA TYR A 14 -1.54 -4.94 6.01
C TYR A 14 -0.57 -5.58 7.01
N GLU A 15 0.19 -6.60 6.60
CA GLU A 15 1.30 -7.15 7.38
C GLU A 15 2.49 -6.15 7.39
N LEU A 16 2.56 -5.26 6.39
CA LEU A 16 3.54 -4.17 6.40
C LEU A 16 3.31 -3.29 7.65
N PRO A 17 4.38 -2.70 8.22
CA PRO A 17 4.26 -1.84 9.39
C PRO A 17 3.27 -0.71 9.11
N GLU A 18 2.58 -0.28 10.16
CA GLU A 18 1.51 0.72 10.06
C GLU A 18 1.96 1.94 9.27
N ALA A 19 3.14 2.47 9.60
CA ALA A 19 3.66 3.65 8.94
C ALA A 19 4.07 3.40 7.49
N VAL A 20 4.44 2.18 7.12
CA VAL A 20 4.70 1.84 5.74
C VAL A 20 3.38 1.81 4.97
N GLN A 21 2.29 1.32 5.58
CA GLN A 21 1.01 1.25 4.90
C GLN A 21 0.57 2.68 4.61
N LYS A 22 0.67 3.51 5.64
CA LYS A 22 0.30 4.91 5.59
C LYS A 22 1.16 5.64 4.55
N GLU A 23 2.47 5.43 4.54
CA GLU A 23 3.37 6.08 3.61
C GLU A 23 3.10 5.64 2.17
N LEU A 24 2.81 4.36 1.93
CA LEU A 24 2.45 3.85 0.60
C LEU A 24 1.13 4.46 0.13
N LEU A 25 0.14 4.64 1.02
CA LEU A 25 -1.09 5.33 0.67
C LEU A 25 -0.82 6.82 0.39
N ALA A 26 0.05 7.46 1.16
CA ALA A 26 0.45 8.84 0.91
C ALA A 26 1.19 8.95 -0.43
N GLU A 27 2.02 7.95 -0.76
CA GLU A 27 2.76 7.88 -2.00
C GLU A 27 1.76 7.80 -3.14
N TRP A 28 0.84 6.83 -3.11
CA TRP A 28 -0.22 6.69 -4.09
C TRP A 28 -1.24 7.85 -4.06
N LYS A 29 -1.15 8.77 -3.09
CA LYS A 29 -1.92 10.01 -3.09
C LYS A 29 -1.06 11.26 -3.36
N ARG A 30 0.26 11.11 -3.60
CA ARG A 30 1.14 12.18 -4.07
C ARG A 30 1.76 11.88 -5.45
N THR A 31 1.50 10.69 -6.00
CA THR A 31 1.91 10.27 -7.35
C THR A 31 0.68 10.03 -8.24
N GLY A 32 -0.51 10.07 -7.63
CA GLY A 32 -1.84 10.08 -8.18
C GLY A 32 -2.68 10.76 -7.10
N GLY A 1 -2.49 8.45 -7.72
CA GLY A 1 -3.87 7.97 -7.59
C GLY A 1 -3.96 6.54 -8.05
N HIS A 2 -3.84 5.58 -7.12
CA HIS A 2 -4.02 4.17 -7.40
C HIS A 2 -4.45 3.46 -6.12
N MET A 3 -4.69 2.15 -6.21
CA MET A 3 -4.92 1.23 -5.11
C MET A 3 -3.72 0.26 -5.07
N PHE A 4 -3.77 -0.82 -4.29
CA PHE A 4 -2.80 -1.91 -4.33
C PHE A 4 -2.47 -2.30 -5.78
N PRO A 5 -1.23 -2.07 -6.25
CA PRO A 5 -0.85 -2.27 -7.66
C PRO A 5 -1.13 -3.65 -8.23
N SER A 6 -0.99 -4.70 -7.42
CA SER A 6 -1.01 -6.16 -7.70
C SER A 6 0.37 -6.77 -7.37
N ASP A 7 1.35 -5.92 -7.04
CA ASP A 7 2.65 -6.28 -6.47
C ASP A 7 2.50 -6.81 -5.04
N ILE A 8 1.32 -6.62 -4.45
CA ILE A 8 0.97 -6.97 -3.09
C ILE A 8 -0.40 -7.62 -3.08
N ASP A 9 -0.54 -8.56 -2.15
CA ASP A 9 -1.81 -9.15 -1.77
C ASP A 9 -2.31 -8.25 -0.61
N PRO A 10 -3.62 -7.99 -0.47
CA PRO A 10 -4.13 -7.07 0.53
C PRO A 10 -3.73 -7.45 1.94
N GLN A 11 -3.77 -8.75 2.26
CA GLN A 11 -3.47 -9.22 3.59
C GLN A 11 -1.98 -9.00 3.88
N VAL A 12 -1.12 -9.31 2.91
CA VAL A 12 0.32 -9.10 3.07
C VAL A 12 0.60 -7.61 3.23
N PHE A 13 -0.10 -6.75 2.49
CA PHE A 13 0.04 -5.32 2.65
C PHE A 13 -0.28 -4.85 4.07
N TYR A 14 -1.30 -5.43 4.71
CA TYR A 14 -1.66 -5.03 6.06
C TYR A 14 -0.77 -5.66 7.13
N GLU A 15 0.00 -6.72 6.81
CA GLU A 15 1.04 -7.24 7.69
C GLU A 15 2.26 -6.30 7.69
N LEU A 16 2.41 -5.44 6.68
CA LEU A 16 3.44 -4.41 6.68
C LEU A 16 3.27 -3.50 7.90
N PRO A 17 4.35 -2.94 8.45
CA PRO A 17 4.26 -2.04 9.60
C PRO A 17 3.31 -0.90 9.32
N GLU A 18 2.63 -0.43 10.36
CA GLU A 18 1.66 0.66 10.33
C GLU A 18 2.12 1.77 9.39
N ALA A 19 3.30 2.32 9.66
CA ALA A 19 3.78 3.46 8.91
C ALA A 19 4.18 3.14 7.47
N VAL A 20 4.55 1.89 7.16
CA VAL A 20 4.79 1.52 5.78
C VAL A 20 3.47 1.56 5.02
N GLN A 21 2.39 1.04 5.62
CA GLN A 21 1.09 1.04 4.97
C GLN A 21 0.71 2.48 4.64
N LYS A 22 0.91 3.38 5.61
CA LYS A 22 0.49 4.77 5.48
C LYS A 22 1.39 5.52 4.49
N GLU A 23 2.66 5.19 4.40
CA GLU A 23 3.60 5.76 3.44
C GLU A 23 3.23 5.35 2.00
N LEU A 24 2.96 4.06 1.79
CA LEU A 24 2.54 3.53 0.49
C LEU A 24 1.22 4.17 0.06
N LEU A 25 0.26 4.31 0.97
CA LEU A 25 -0.97 5.06 0.72
C LEU A 25 -0.67 6.52 0.36
N ALA A 26 0.28 7.16 1.06
CA ALA A 26 0.70 8.51 0.73
C ALA A 26 1.22 8.55 -0.70
N GLU A 27 2.11 7.65 -1.12
CA GLU A 27 2.66 7.64 -2.49
C GLU A 27 1.56 7.42 -3.53
N TRP A 28 0.67 6.46 -3.29
CA TRP A 28 -0.47 6.23 -4.17
C TRP A 28 -1.44 7.42 -4.19
N LYS A 29 -1.33 8.38 -3.27
CA LYS A 29 -2.03 9.67 -3.31
C LYS A 29 -1.13 10.83 -3.78
N ARG A 30 0.21 10.73 -3.76
CA ARG A 30 1.10 11.73 -4.37
C ARG A 30 0.94 11.70 -5.88
N THR A 31 0.82 10.50 -6.44
CA THR A 31 0.81 10.18 -7.86
C THR A 31 -0.50 10.57 -8.56
N GLY A 32 -1.25 11.54 -8.04
CA GLY A 32 -2.59 11.90 -8.51
C GLY A 32 -3.56 11.76 -7.36
N GLY A 1 -1.64 -8.95 -6.28
CA GLY A 1 -2.38 -7.72 -6.55
C GLY A 1 -3.59 -7.96 -7.41
N HIS A 2 -4.77 -7.89 -6.77
CA HIS A 2 -6.06 -7.85 -7.44
C HIS A 2 -6.91 -6.72 -6.86
N MET A 3 -6.59 -6.23 -5.65
CA MET A 3 -7.19 -5.01 -5.11
C MET A 3 -6.14 -4.11 -4.43
N PHE A 4 -4.87 -4.31 -4.79
CA PHE A 4 -3.69 -3.49 -4.49
C PHE A 4 -2.78 -3.65 -5.71
N PRO A 5 -1.86 -2.69 -5.99
CA PRO A 5 -1.04 -2.60 -7.19
C PRO A 5 -0.98 -3.81 -8.14
N SER A 6 -0.06 -4.76 -7.94
CA SER A 6 0.02 -5.96 -8.78
C SER A 6 0.74 -7.09 -8.05
N ASP A 7 1.80 -6.75 -7.31
CA ASP A 7 2.52 -7.62 -6.40
C ASP A 7 1.68 -7.80 -5.13
N ILE A 8 1.63 -6.78 -4.26
CA ILE A 8 0.94 -6.77 -2.98
C ILE A 8 -0.54 -7.06 -3.13
N ASP A 9 -1.15 -7.55 -2.05
CA ASP A 9 -2.60 -7.72 -1.88
C ASP A 9 -2.91 -7.35 -0.43
N PRO A 10 -4.17 -7.20 0.00
CA PRO A 10 -4.49 -6.64 1.30
C PRO A 10 -3.82 -7.34 2.46
N GLN A 11 -3.69 -8.66 2.36
CA GLN A 11 -3.05 -9.39 3.43
C GLN A 11 -1.60 -8.91 3.51
N VAL A 12 -0.89 -9.01 2.38
CA VAL A 12 0.54 -8.73 2.29
C VAL A 12 0.80 -7.27 2.65
N PHE A 13 -0.10 -6.37 2.26
CA PHE A 13 0.05 -4.96 2.46
C PHE A 13 -0.22 -4.57 3.91
N TYR A 14 -1.22 -5.15 4.56
CA TYR A 14 -1.52 -4.84 5.94
C TYR A 14 -0.61 -5.62 6.90
N GLU A 15 0.08 -6.66 6.41
CA GLU A 15 1.16 -7.36 7.12
C GLU A 15 2.43 -6.49 7.15
N LEU A 16 2.46 -5.39 6.40
CA LEU A 16 3.52 -4.38 6.48
C LEU A 16 3.31 -3.53 7.73
N PRO A 17 4.38 -2.95 8.32
CA PRO A 17 4.27 -2.08 9.48
C PRO A 17 3.32 -0.92 9.19
N GLU A 18 2.61 -0.49 10.24
CA GLU A 18 1.60 0.56 10.15
C GLU A 18 2.08 1.76 9.35
N ALA A 19 3.27 2.27 9.68
CA ALA A 19 3.80 3.44 9.02
C ALA A 19 4.16 3.20 7.57
N VAL A 20 4.52 1.99 7.18
CA VAL A 20 4.73 1.68 5.78
C VAL A 20 3.40 1.71 5.04
N GLN A 21 2.31 1.24 5.67
CA GLN A 21 1.01 1.22 5.02
C GLN A 21 0.58 2.66 4.75
N LYS A 22 0.72 3.49 5.79
CA LYS A 22 0.39 4.90 5.71
C LYS A 22 1.24 5.59 4.64
N GLU A 23 2.55 5.35 4.63
CA GLU A 23 3.49 5.96 3.68
C GLU A 23 3.17 5.57 2.24
N LEU A 24 2.86 4.29 2.00
CA LEU A 24 2.52 3.78 0.67
C LEU A 24 1.21 4.40 0.19
N LEU A 25 0.23 4.57 1.06
CA LEU A 25 -0.99 5.29 0.72
C LEU A 25 -0.67 6.75 0.39
N ALA A 26 0.21 7.39 1.16
CA ALA A 26 0.65 8.74 0.88
C ALA A 26 1.32 8.80 -0.50
N GLU A 27 2.19 7.85 -0.84
CA GLU A 27 2.84 7.80 -2.14
C GLU A 27 1.80 7.63 -3.26
N TRP A 28 0.86 6.72 -3.09
CA TRP A 28 -0.28 6.55 -4.01
C TRP A 28 -1.26 7.73 -3.94
N LYS A 29 -1.01 8.74 -3.09
CA LYS A 29 -1.72 10.03 -3.08
C LYS A 29 -0.78 11.21 -3.38
N ARG A 30 0.50 10.95 -3.71
CA ARG A 30 1.43 11.94 -4.26
C ARG A 30 1.45 11.82 -5.79
N THR A 31 0.86 10.76 -6.35
CA THR A 31 0.98 10.39 -7.76
C THR A 31 -0.36 10.31 -8.51
N GLY A 32 -1.48 10.51 -7.81
CA GLY A 32 -2.84 10.40 -8.30
C GLY A 32 -3.73 10.38 -7.07
N GLY A 1 -0.89 7.13 -8.13
CA GLY A 1 -1.15 5.85 -8.80
C GLY A 1 -2.14 5.01 -8.02
N HIS A 2 -3.40 5.44 -7.96
CA HIS A 2 -4.57 4.76 -7.43
C HIS A 2 -4.30 4.00 -6.11
N MET A 3 -4.71 2.73 -6.03
CA MET A 3 -4.57 1.84 -4.87
C MET A 3 -3.39 0.89 -5.13
N PHE A 4 -3.33 -0.23 -4.42
CA PHE A 4 -2.29 -1.24 -4.53
C PHE A 4 -1.98 -1.59 -5.99
N PRO A 5 -0.70 -1.59 -6.42
CA PRO A 5 -0.27 -2.12 -7.71
C PRO A 5 -0.71 -3.58 -7.95
N SER A 6 -1.15 -4.27 -6.90
CA SER A 6 -1.73 -5.61 -6.91
C SER A 6 -0.68 -6.72 -7.08
N ASP A 7 0.61 -6.37 -7.04
CA ASP A 7 1.70 -7.34 -6.92
C ASP A 7 1.67 -7.80 -5.46
N ILE A 8 1.43 -6.85 -4.55
CA ILE A 8 1.13 -7.04 -3.15
C ILE A 8 -0.32 -7.51 -3.03
N ASP A 9 -0.50 -8.62 -2.33
CA ASP A 9 -1.84 -9.03 -1.93
C ASP A 9 -2.26 -8.06 -0.82
N PRO A 10 -3.53 -7.60 -0.74
CA PRO A 10 -3.95 -6.58 0.20
C PRO A 10 -3.65 -6.98 1.65
N GLN A 11 -3.81 -8.25 1.98
CA GLN A 11 -3.58 -8.71 3.34
C GLN A 11 -2.08 -8.66 3.65
N VAL A 12 -1.24 -9.08 2.70
CA VAL A 12 0.22 -9.01 2.83
C VAL A 12 0.65 -7.56 3.03
N PHE A 13 0.03 -6.62 2.32
CA PHE A 13 0.33 -5.21 2.51
C PHE A 13 -0.02 -4.74 3.92
N TYR A 14 -1.17 -5.15 4.47
CA TYR A 14 -1.57 -4.72 5.79
C TYR A 14 -0.78 -5.44 6.90
N GLU A 15 -0.05 -6.52 6.59
CA GLU A 15 0.91 -7.11 7.53
C GLU A 15 2.16 -6.22 7.66
N LEU A 16 2.41 -5.34 6.68
CA LEU A 16 3.49 -4.35 6.79
C LEU A 16 3.22 -3.45 8.00
N PRO A 17 4.27 -2.89 8.64
CA PRO A 17 4.10 -2.02 9.79
C PRO A 17 3.18 -0.86 9.44
N GLU A 18 2.44 -0.39 10.45
CA GLU A 18 1.47 0.70 10.33
C GLU A 18 2.02 1.83 9.47
N ALA A 19 3.17 2.39 9.84
CA ALA A 19 3.70 3.53 9.15
C ALA A 19 4.16 3.22 7.72
N VAL A 20 4.59 1.99 7.46
CA VAL A 20 4.98 1.60 6.11
C VAL A 20 3.73 1.60 5.23
N GLN A 21 2.63 1.03 5.73
CA GLN A 21 1.38 0.99 4.98
C GLN A 21 0.99 2.42 4.58
N LYS A 22 1.11 3.32 5.54
CA LYS A 22 0.62 4.67 5.41
C LYS A 22 1.46 5.45 4.40
N GLU A 23 2.80 5.30 4.40
CA GLU A 23 3.61 6.04 3.45
C GLU A 23 3.41 5.53 2.02
N LEU A 24 3.36 4.22 1.82
CA LEU A 24 3.05 3.62 0.52
C LEU A 24 1.68 4.11 0.01
N LEU A 25 0.64 4.11 0.86
CA LEU A 25 -0.67 4.60 0.45
C LEU A 25 -0.67 6.12 0.23
N ALA A 26 0.12 6.88 1.00
CA ALA A 26 0.24 8.32 0.80
C ALA A 26 1.00 8.63 -0.48
N GLU A 27 1.98 7.82 -0.86
CA GLU A 27 2.74 7.96 -2.09
C GLU A 27 1.82 7.67 -3.27
N TRP A 28 1.13 6.54 -3.25
CA TRP A 28 0.18 6.22 -4.30
C TRP A 28 -0.92 7.27 -4.39
N LYS A 29 -1.35 7.88 -3.27
CA LYS A 29 -2.33 8.97 -3.32
C LYS A 29 -1.72 10.29 -3.80
N ARG A 30 -0.46 10.62 -3.47
CA ARG A 30 0.13 11.88 -3.93
C ARG A 30 0.49 11.84 -5.41
N THR A 31 0.52 10.66 -6.02
CA THR A 31 0.89 10.47 -7.42
C THR A 31 -0.34 10.22 -8.31
N GLY A 32 -1.54 10.58 -7.86
CA GLY A 32 -2.78 10.41 -8.63
C GLY A 32 -3.53 9.23 -8.07
N GLY A 1 -1.27 -7.93 -6.79
CA GLY A 1 -2.48 -8.64 -6.40
C GLY A 1 -3.64 -8.24 -7.28
N HIS A 2 -4.82 -8.01 -6.68
CA HIS A 2 -6.07 -7.71 -7.36
C HIS A 2 -6.88 -6.60 -6.67
N MET A 3 -6.47 -6.18 -5.46
CA MET A 3 -7.09 -5.09 -4.70
C MET A 3 -6.03 -4.06 -4.26
N PHE A 4 -4.80 -4.20 -4.75
CA PHE A 4 -3.65 -3.32 -4.52
C PHE A 4 -2.80 -3.39 -5.82
N PRO A 5 -1.69 -2.64 -5.95
CA PRO A 5 -0.72 -2.79 -7.04
C PRO A 5 -0.39 -4.24 -7.45
N SER A 6 0.21 -4.39 -8.64
CA SER A 6 0.43 -5.64 -9.34
C SER A 6 1.05 -6.76 -8.50
N ASP A 7 1.87 -6.42 -7.51
CA ASP A 7 2.52 -7.36 -6.59
C ASP A 7 1.64 -7.59 -5.35
N ILE A 8 1.46 -6.58 -4.49
CA ILE A 8 0.82 -6.68 -3.17
C ILE A 8 -0.69 -7.00 -3.26
N ASP A 9 -1.26 -7.45 -2.16
CA ASP A 9 -2.71 -7.61 -1.96
C ASP A 9 -3.01 -7.20 -0.51
N PRO A 10 -4.28 -6.97 -0.10
CA PRO A 10 -4.57 -6.35 1.18
C PRO A 10 -3.99 -7.08 2.36
N GLN A 11 -3.92 -8.41 2.28
CA GLN A 11 -3.39 -9.15 3.41
C GLN A 11 -1.93 -8.74 3.59
N VAL A 12 -1.16 -8.89 2.51
CA VAL A 12 0.28 -8.70 2.50
C VAL A 12 0.60 -7.22 2.76
N PHE A 13 -0.23 -6.31 2.28
CA PHE A 13 -0.04 -4.89 2.48
C PHE A 13 -0.28 -4.49 3.92
N TYR A 14 -1.32 -5.02 4.57
CA TYR A 14 -1.60 -4.65 5.95
C TYR A 14 -0.75 -5.47 6.93
N GLU A 15 -0.09 -6.55 6.47
CA GLU A 15 0.94 -7.27 7.21
C GLU A 15 2.23 -6.41 7.29
N LEU A 16 2.36 -5.40 6.43
CA LEU A 16 3.48 -4.45 6.49
C LEU A 16 3.39 -3.62 7.76
N PRO A 17 4.53 -3.13 8.29
CA PRO A 17 4.55 -2.27 9.47
C PRO A 17 3.65 -1.05 9.26
N GLU A 18 3.03 -0.58 10.35
CA GLU A 18 2.01 0.47 10.31
C GLU A 18 2.42 1.65 9.45
N ALA A 19 3.63 2.17 9.68
CA ALA A 19 4.13 3.32 8.97
C ALA A 19 4.29 3.05 7.48
N VAL A 20 4.74 1.87 7.10
CA VAL A 20 4.88 1.55 5.68
C VAL A 20 3.50 1.62 5.01
N GLN A 21 2.44 1.18 5.68
CA GLN A 21 1.11 1.25 5.11
C GLN A 21 0.70 2.71 4.89
N LYS A 22 0.88 3.53 5.92
CA LYS A 22 0.47 4.94 5.87
C LYS A 22 1.22 5.65 4.74
N GLU A 23 2.53 5.48 4.69
CA GLU A 23 3.39 6.21 3.77
C GLU A 23 3.14 5.75 2.33
N LEU A 24 2.88 4.46 2.11
CA LEU A 24 2.53 3.94 0.79
C LEU A 24 1.19 4.50 0.34
N LEU A 25 0.19 4.56 1.23
CA LEU A 25 -1.09 5.17 0.89
C LEU A 25 -0.91 6.64 0.52
N ALA A 26 -0.07 7.38 1.23
CA ALA A 26 0.20 8.78 0.95
C ALA A 26 1.03 8.97 -0.33
N GLU A 27 2.01 8.09 -0.59
CA GLU A 27 2.87 8.15 -1.77
C GLU A 27 2.08 7.84 -3.02
N TRP A 28 1.20 6.83 -2.97
CA TRP A 28 0.27 6.60 -4.06
C TRP A 28 -0.63 7.82 -4.22
N LYS A 29 -1.17 8.40 -3.13
CA LYS A 29 -1.97 9.61 -3.22
C LYS A 29 -1.19 10.81 -3.79
N ARG A 30 0.14 10.83 -3.69
CA ARG A 30 0.99 11.86 -4.28
C ARG A 30 1.09 11.72 -5.80
N THR A 31 0.64 10.61 -6.38
CA THR A 31 0.89 10.26 -7.77
C THR A 31 -0.34 9.76 -8.52
N GLY A 32 -1.42 9.42 -7.83
CA GLY A 32 -2.73 9.11 -8.36
C GLY A 32 -3.70 9.51 -7.28
N GLY A 1 -1.19 6.56 -7.55
CA GLY A 1 -1.79 5.30 -8.00
C GLY A 1 -3.11 5.15 -7.30
N HIS A 2 -4.20 5.60 -7.91
CA HIS A 2 -5.54 5.58 -7.29
C HIS A 2 -6.16 4.17 -7.20
N MET A 3 -5.35 3.11 -7.18
CA MET A 3 -5.71 1.74 -6.91
C MET A 3 -4.44 1.06 -6.39
N PHE A 4 -4.57 0.00 -5.59
CA PHE A 4 -3.44 -0.85 -5.20
C PHE A 4 -2.73 -1.31 -6.49
N PRO A 5 -1.38 -1.25 -6.59
CA PRO A 5 -0.65 -1.85 -7.69
C PRO A 5 -0.98 -3.33 -7.91
N SER A 6 -1.43 -4.02 -6.86
CA SER A 6 -1.92 -5.40 -6.87
C SER A 6 -0.83 -6.44 -7.19
N ASP A 7 0.44 -6.03 -7.09
CA ASP A 7 1.62 -6.91 -7.11
C ASP A 7 1.72 -7.58 -5.74
N ILE A 8 1.45 -6.79 -4.69
CA ILE A 8 1.26 -7.17 -3.32
C ILE A 8 -0.18 -7.64 -3.16
N ASP A 9 -0.35 -8.71 -2.38
CA ASP A 9 -1.66 -9.11 -1.93
C ASP A 9 -2.07 -8.08 -0.85
N PRO A 10 -3.35 -7.69 -0.73
CA PRO A 10 -3.74 -6.65 0.21
C PRO A 10 -3.42 -7.04 1.65
N GLN A 11 -3.60 -8.32 2.01
CA GLN A 11 -3.29 -8.76 3.35
C GLN A 11 -1.80 -8.56 3.59
N VAL A 12 -0.96 -9.01 2.66
CA VAL A 12 0.49 -8.94 2.82
C VAL A 12 0.93 -7.49 2.95
N PHE A 13 0.29 -6.56 2.22
CA PHE A 13 0.54 -5.16 2.42
C PHE A 13 0.12 -4.70 3.82
N TYR A 14 -1.06 -5.06 4.29
CA TYR A 14 -1.54 -4.61 5.59
C TYR A 14 -0.82 -5.33 6.75
N GLU A 15 -0.10 -6.43 6.49
CA GLU A 15 0.81 -7.07 7.44
C GLU A 15 2.09 -6.25 7.61
N LEU A 16 2.36 -5.29 6.71
CA LEU A 16 3.47 -4.35 6.88
C LEU A 16 3.23 -3.48 8.12
N PRO A 17 4.30 -2.97 8.78
CA PRO A 17 4.18 -2.10 9.94
C PRO A 17 3.32 -0.89 9.59
N GLU A 18 2.53 -0.43 10.56
CA GLU A 18 1.55 0.64 10.40
C GLU A 18 2.10 1.81 9.61
N ALA A 19 3.28 2.30 10.02
CA ALA A 19 3.90 3.45 9.39
C ALA A 19 4.36 3.20 7.96
N VAL A 20 4.78 1.98 7.63
CA VAL A 20 5.15 1.67 6.25
C VAL A 20 3.89 1.73 5.39
N GLN A 21 2.77 1.22 5.91
CA GLN A 21 1.54 1.20 5.13
C GLN A 21 1.17 2.62 4.82
N LYS A 22 1.18 3.45 5.86
CA LYS A 22 0.77 4.84 5.81
C LYS A 22 1.55 5.59 4.73
N GLU A 23 2.87 5.40 4.65
CA GLU A 23 3.68 6.10 3.65
C GLU A 23 3.36 5.62 2.23
N LEU A 24 3.21 4.31 2.00
CA LEU A 24 2.79 3.76 0.71
C LEU A 24 1.39 4.22 0.31
N LEU A 25 0.48 4.35 1.26
CA LEU A 25 -0.87 4.84 1.01
C LEU A 25 -0.82 6.33 0.67
N ALA A 26 0.07 7.10 1.33
CA ALA A 26 0.32 8.49 1.00
C ALA A 26 0.98 8.59 -0.38
N GLU A 27 1.86 7.67 -0.75
CA GLU A 27 2.51 7.61 -2.04
C GLU A 27 1.46 7.37 -3.12
N TRP A 28 0.66 6.33 -2.98
CA TRP A 28 -0.41 6.01 -3.91
C TRP A 28 -1.45 7.14 -3.96
N LYS A 29 -1.62 7.93 -2.89
CA LYS A 29 -2.49 9.10 -2.92
C LYS A 29 -1.84 10.32 -3.56
N ARG A 30 -0.51 10.54 -3.45
CA ARG A 30 0.14 11.71 -4.05
C ARG A 30 0.44 11.49 -5.52
N THR A 31 0.63 10.24 -5.94
CA THR A 31 0.83 9.90 -7.33
C THR A 31 -0.52 9.71 -8.01
N GLY A 32 -0.56 9.90 -9.33
CA GLY A 32 -1.70 9.53 -10.17
C GLY A 32 -1.87 8.03 -10.05
N GLY A 1 -1.74 -8.80 -6.78
CA GLY A 1 -2.47 -7.60 -7.23
C GLY A 1 -3.94 -7.88 -7.36
N HIS A 2 -4.72 -7.71 -6.29
CA HIS A 2 -6.12 -8.15 -6.24
C HIS A 2 -7.05 -7.07 -5.69
N MET A 3 -6.51 -5.91 -5.28
CA MET A 3 -7.20 -4.76 -4.73
C MET A 3 -6.14 -3.66 -4.60
N PHE A 4 -5.00 -4.03 -4.03
CA PHE A 4 -3.78 -3.25 -4.03
C PHE A 4 -3.12 -3.38 -5.42
N PRO A 5 -2.06 -2.58 -5.73
CA PRO A 5 -1.23 -2.71 -6.92
C PRO A 5 -0.89 -4.14 -7.36
N SER A 6 -0.47 -4.27 -8.62
CA SER A 6 -0.29 -5.51 -9.37
C SER A 6 0.45 -6.63 -8.61
N ASP A 7 1.44 -6.32 -7.79
CA ASP A 7 2.14 -7.29 -6.94
C ASP A 7 1.33 -7.58 -5.68
N ILE A 8 1.10 -6.56 -4.84
CA ILE A 8 0.54 -6.69 -3.49
C ILE A 8 -0.90 -7.21 -3.44
N ASP A 9 -1.30 -7.55 -2.23
CA ASP A 9 -2.52 -8.19 -1.80
C ASP A 9 -2.82 -7.58 -0.43
N PRO A 10 -4.08 -7.43 0.03
CA PRO A 10 -4.36 -6.75 1.27
C PRO A 10 -3.70 -7.44 2.46
N GLN A 11 -3.57 -8.77 2.45
CA GLN A 11 -2.94 -9.47 3.55
C GLN A 11 -1.49 -9.04 3.64
N VAL A 12 -0.78 -9.10 2.51
CA VAL A 12 0.65 -8.76 2.44
C VAL A 12 0.82 -7.28 2.77
N PHE A 13 -0.10 -6.43 2.32
CA PHE A 13 0.01 -5.00 2.52
C PHE A 13 -0.16 -4.64 4.00
N TYR A 14 -1.10 -5.26 4.71
CA TYR A 14 -1.32 -4.95 6.11
C TYR A 14 -0.31 -5.67 7.02
N GLU A 15 0.41 -6.67 6.52
CA GLU A 15 1.55 -7.28 7.21
C GLU A 15 2.71 -6.27 7.29
N LEU A 16 2.74 -5.30 6.36
CA LEU A 16 3.71 -4.20 6.40
C LEU A 16 3.49 -3.37 7.66
N PRO A 17 4.55 -2.76 8.24
CA PRO A 17 4.43 -1.92 9.43
C PRO A 17 3.42 -0.80 9.19
N GLU A 18 2.73 -0.40 10.26
CA GLU A 18 1.66 0.60 10.19
C GLU A 18 2.08 1.83 9.40
N ALA A 19 3.26 2.38 9.71
CA ALA A 19 3.72 3.58 9.05
C ALA A 19 4.05 3.37 7.57
N VAL A 20 4.43 2.16 7.17
CA VAL A 20 4.63 1.85 5.77
C VAL A 20 3.28 1.81 5.06
N GLN A 21 2.23 1.30 5.71
CA GLN A 21 0.93 1.20 5.07
C GLN A 21 0.41 2.61 4.80
N LYS A 22 0.58 3.46 5.81
CA LYS A 22 0.19 4.85 5.75
C LYS A 22 0.99 5.56 4.66
N GLU A 23 2.32 5.41 4.67
CA GLU A 23 3.20 6.08 3.73
C GLU A 23 2.95 5.61 2.30
N LEU A 24 2.70 4.32 2.05
CA LEU A 24 2.41 3.81 0.71
C LEU A 24 1.10 4.41 0.20
N LEU A 25 0.07 4.50 1.04
CA LEU A 25 -1.18 5.14 0.66
C LEU A 25 -0.97 6.63 0.38
N ALA A 26 -0.09 7.30 1.12
CA ALA A 26 0.25 8.70 0.91
C ALA A 26 1.08 8.87 -0.37
N GLU A 27 1.99 7.94 -0.66
CA GLU A 27 2.86 7.95 -1.82
C GLU A 27 2.01 7.79 -3.06
N TRP A 28 1.14 6.78 -3.09
CA TRP A 28 0.20 6.61 -4.18
C TRP A 28 -0.66 7.88 -4.30
N LYS A 29 -1.23 8.40 -3.20
CA LYS A 29 -2.04 9.61 -3.30
C LYS A 29 -1.23 10.88 -3.64
N ARG A 30 0.11 10.88 -3.59
CA ARG A 30 0.93 12.03 -4.04
C ARG A 30 1.59 11.75 -5.39
N THR A 31 1.27 10.63 -6.06
CA THR A 31 1.78 10.30 -7.38
C THR A 31 0.63 9.99 -8.38
N GLY A 32 -0.58 9.73 -7.88
CA GLY A 32 -1.81 9.63 -8.65
C GLY A 32 -2.93 10.02 -7.73
N GLY A 1 -3.47 -9.34 -5.09
CA GLY A 1 -4.77 -10.04 -5.02
C GLY A 1 -5.86 -9.34 -5.82
N HIS A 2 -5.84 -9.51 -7.15
CA HIS A 2 -6.77 -9.05 -8.20
C HIS A 2 -7.12 -7.55 -8.28
N MET A 3 -6.57 -6.68 -7.43
CA MET A 3 -7.04 -5.29 -7.34
C MET A 3 -6.06 -4.30 -6.70
N PHE A 4 -4.88 -4.73 -6.23
CA PHE A 4 -4.01 -3.87 -5.41
C PHE A 4 -2.89 -3.28 -6.26
N PRO A 5 -2.24 -2.16 -5.88
CA PRO A 5 -1.01 -1.71 -6.52
C PRO A 5 0.04 -2.82 -6.51
N SER A 6 0.78 -2.97 -7.62
CA SER A 6 1.70 -4.09 -7.88
C SER A 6 1.08 -5.47 -7.54
N ASP A 7 -0.25 -5.53 -7.58
CA ASP A 7 -1.14 -6.59 -7.12
C ASP A 7 -0.67 -7.39 -5.90
N ILE A 8 -0.10 -6.67 -4.92
CA ILE A 8 0.20 -7.25 -3.63
C ILE A 8 -1.06 -7.89 -3.05
N ASP A 9 -0.87 -8.95 -2.28
CA ASP A 9 -1.98 -9.49 -1.53
C ASP A 9 -2.31 -8.49 -0.41
N PRO A 10 -3.60 -8.17 -0.17
CA PRO A 10 -3.96 -7.25 0.89
C PRO A 10 -3.39 -7.68 2.24
N GLN A 11 -3.33 -8.98 2.51
CA GLN A 11 -2.87 -9.46 3.80
C GLN A 11 -1.39 -9.10 3.97
N VAL A 12 -0.58 -9.31 2.93
CA VAL A 12 0.85 -9.02 2.98
C VAL A 12 1.06 -7.50 3.05
N PHE A 13 0.32 -6.71 2.27
CA PHE A 13 0.37 -5.26 2.41
C PHE A 13 0.05 -4.78 3.83
N TYR A 14 -1.00 -5.30 4.46
CA TYR A 14 -1.45 -4.82 5.75
C TYR A 14 -0.67 -5.48 6.91
N GLU A 15 0.19 -6.47 6.63
CA GLU A 15 1.17 -7.03 7.57
C GLU A 15 2.36 -6.06 7.71
N LEU A 16 2.57 -5.19 6.71
CA LEU A 16 3.59 -4.15 6.78
C LEU A 16 3.34 -3.24 7.98
N PRO A 17 4.39 -2.65 8.59
CA PRO A 17 4.25 -1.72 9.70
C PRO A 17 3.29 -0.61 9.35
N GLU A 18 2.57 -0.11 10.36
CA GLU A 18 1.51 0.88 10.19
C GLU A 18 1.98 2.05 9.33
N ALA A 19 3.15 2.59 9.66
CA ALA A 19 3.68 3.73 8.93
C ALA A 19 4.12 3.41 7.51
N VAL A 20 4.49 2.15 7.20
CA VAL A 20 4.75 1.76 5.83
C VAL A 20 3.43 1.72 5.08
N GLN A 21 2.38 1.16 5.66
CA GLN A 21 1.08 1.12 4.98
C GLN A 21 0.64 2.54 4.67
N LYS A 22 0.74 3.43 5.66
CA LYS A 22 0.33 4.82 5.51
C LYS A 22 1.22 5.50 4.46
N GLU A 23 2.53 5.27 4.47
CA GLU A 23 3.45 5.91 3.53
C GLU A 23 3.20 5.43 2.10
N LEU A 24 2.92 4.13 1.91
CA LEU A 24 2.59 3.58 0.60
C LEU A 24 1.29 4.20 0.10
N LEU A 25 0.27 4.35 0.95
CA LEU A 25 -0.97 5.03 0.58
C LEU A 25 -0.70 6.51 0.27
N ALA A 26 0.14 7.18 1.04
CA ALA A 26 0.54 8.56 0.77
C ALA A 26 1.26 8.65 -0.56
N GLU A 27 2.14 7.69 -0.88
CA GLU A 27 2.85 7.62 -2.15
C GLU A 27 1.81 7.51 -3.26
N TRP A 28 0.92 6.51 -3.16
CA TRP A 28 -0.17 6.28 -4.10
C TRP A 28 -1.24 7.38 -4.06
N LYS A 29 -1.10 8.42 -3.22
CA LYS A 29 -1.93 9.63 -3.26
C LYS A 29 -1.13 10.93 -3.37
N ARG A 30 0.18 10.86 -3.64
CA ARG A 30 1.02 12.00 -4.00
C ARG A 30 1.60 11.83 -5.41
N THR A 31 1.06 10.89 -6.19
CA THR A 31 1.52 10.51 -7.53
C THR A 31 0.34 10.43 -8.52
N GLY A 32 -0.88 10.55 -8.03
CA GLY A 32 -2.16 10.33 -8.67
C GLY A 32 -3.14 10.13 -7.53
N GLY A 1 1.13 6.96 -7.12
CA GLY A 1 0.81 5.65 -7.71
C GLY A 1 -0.67 5.39 -7.98
N HIS A 2 -1.60 6.31 -7.70
CA HIS A 2 -3.03 6.23 -8.01
C HIS A 2 -3.86 5.15 -7.30
N MET A 3 -3.41 3.90 -7.19
CA MET A 3 -4.22 2.81 -6.67
C MET A 3 -3.31 1.73 -6.09
N PHE A 4 -3.91 0.75 -5.42
CA PHE A 4 -3.20 -0.44 -4.97
C PHE A 4 -2.64 -1.15 -6.23
N PRO A 5 -1.36 -1.56 -6.22
CA PRO A 5 -0.77 -2.44 -7.23
C PRO A 5 -1.44 -3.83 -7.26
N SER A 6 -0.78 -4.83 -7.83
CA SER A 6 -1.27 -6.22 -7.84
C SER A 6 -0.12 -7.23 -7.82
N ASP A 7 1.08 -6.79 -7.41
CA ASP A 7 2.23 -7.63 -7.10
C ASP A 7 2.17 -8.05 -5.63
N ILE A 8 1.75 -7.13 -4.76
CA ILE A 8 1.43 -7.38 -3.38
C ILE A 8 0.00 -7.91 -3.24
N ASP A 9 -0.17 -8.80 -2.27
CA ASP A 9 -1.47 -9.24 -1.80
C ASP A 9 -1.89 -8.18 -0.76
N PRO A 10 -3.17 -7.79 -0.66
CA PRO A 10 -3.55 -6.66 0.17
C PRO A 10 -3.50 -7.03 1.65
N GLN A 11 -3.73 -8.29 2.02
CA GLN A 11 -3.60 -8.71 3.40
C GLN A 11 -2.12 -8.66 3.79
N VAL A 12 -1.23 -9.17 2.93
CA VAL A 12 0.22 -9.08 3.14
C VAL A 12 0.63 -7.61 3.32
N PHE A 13 0.10 -6.72 2.48
CA PHE A 13 0.36 -5.29 2.63
C PHE A 13 -0.12 -4.75 3.97
N TYR A 14 -1.30 -5.12 4.46
CA TYR A 14 -1.83 -4.56 5.69
C TYR A 14 -1.19 -5.19 6.95
N GLU A 15 -0.47 -6.30 6.82
CA GLU A 15 0.38 -6.85 7.89
C GLU A 15 1.74 -6.14 7.93
N LEU A 16 2.03 -5.26 6.97
CA LEU A 16 3.19 -4.37 7.04
C LEU A 16 3.01 -3.40 8.21
N PRO A 17 4.09 -2.90 8.82
CA PRO A 17 4.03 -1.94 9.91
C PRO A 17 3.22 -0.71 9.49
N GLU A 18 2.50 -0.14 10.45
CA GLU A 18 1.57 0.96 10.23
C GLU A 18 2.19 2.06 9.36
N ALA A 19 3.39 2.49 9.72
CA ALA A 19 4.06 3.57 9.02
C ALA A 19 4.51 3.19 7.61
N VAL A 20 4.82 1.92 7.36
CA VAL A 20 5.15 1.49 6.00
C VAL A 20 3.88 1.59 5.14
N GLN A 21 2.74 1.18 5.69
CA GLN A 21 1.50 1.20 4.93
C GLN A 21 1.19 2.64 4.57
N LYS A 22 1.30 3.50 5.57
CA LYS A 22 0.95 4.90 5.45
C LYS A 22 1.77 5.57 4.36
N GLU A 23 3.07 5.28 4.23
CA GLU A 23 3.89 5.89 3.18
C GLU A 23 3.50 5.36 1.79
N LEU A 24 3.28 4.05 1.64
CA LEU A 24 2.84 3.48 0.36
C LEU A 24 1.49 4.05 -0.06
N LEU A 25 0.54 4.16 0.87
CA LEU A 25 -0.77 4.77 0.60
C LEU A 25 -0.62 6.25 0.26
N ALA A 26 0.28 6.96 0.94
CA ALA A 26 0.66 8.31 0.57
C ALA A 26 1.16 8.31 -0.85
N GLU A 27 2.15 7.53 -1.27
CA GLU A 27 2.57 7.46 -2.67
C GLU A 27 1.35 7.24 -3.58
N TRP A 28 0.50 6.27 -3.24
CA TRP A 28 -0.65 5.89 -4.04
C TRP A 28 -1.80 6.91 -4.05
N LYS A 29 -1.75 8.02 -3.30
CA LYS A 29 -2.72 9.13 -3.47
C LYS A 29 -2.10 10.54 -3.47
N ARG A 30 -0.81 10.66 -3.20
CA ARG A 30 0.01 11.86 -3.33
C ARG A 30 0.34 12.09 -4.79
N THR A 31 0.57 10.98 -5.50
CA THR A 31 1.14 10.98 -6.83
C THR A 31 0.08 10.40 -7.77
N GLY A 32 -1.06 11.09 -7.85
CA GLY A 32 -2.25 10.58 -8.51
C GLY A 32 -2.99 9.65 -7.57
N GLY A 1 -2.33 7.16 -7.74
CA GLY A 1 -2.22 5.84 -8.38
C GLY A 1 -3.56 5.15 -8.28
N HIS A 2 -3.61 4.02 -7.57
CA HIS A 2 -4.84 3.32 -7.20
C HIS A 2 -4.58 2.69 -5.83
N MET A 3 -5.63 2.18 -5.16
CA MET A 3 -5.56 1.70 -3.78
C MET A 3 -4.48 0.61 -3.57
N PHE A 4 -4.09 -0.08 -4.64
CA PHE A 4 -2.95 -0.97 -4.68
C PHE A 4 -2.38 -0.88 -6.11
N PRO A 5 -1.08 -1.13 -6.31
CA PRO A 5 -0.47 -1.12 -7.64
C PRO A 5 -1.09 -2.16 -8.57
N SER A 6 -1.44 -3.32 -8.01
CA SER A 6 -2.04 -4.56 -8.59
C SER A 6 -1.06 -5.74 -8.44
N ASP A 7 -0.06 -5.64 -7.57
CA ASP A 7 1.07 -6.56 -7.45
C ASP A 7 1.08 -7.29 -6.10
N ILE A 8 0.73 -6.61 -5.02
CA ILE A 8 0.82 -7.10 -3.67
C ILE A 8 -0.47 -7.78 -3.23
N ASP A 9 -0.29 -8.89 -2.52
CA ASP A 9 -1.35 -9.55 -1.81
C ASP A 9 -1.76 -8.58 -0.68
N PRO A 10 -3.05 -8.40 -0.39
CA PRO A 10 -3.49 -7.35 0.50
C PRO A 10 -3.17 -7.68 1.95
N GLN A 11 -3.11 -8.96 2.34
CA GLN A 11 -2.69 -9.33 3.67
C GLN A 11 -1.20 -9.00 3.82
N VAL A 12 -0.38 -9.40 2.83
CA VAL A 12 1.06 -9.14 2.87
C VAL A 12 1.32 -7.64 2.97
N PHE A 13 0.52 -6.78 2.34
CA PHE A 13 0.61 -5.35 2.60
C PHE A 13 0.14 -4.96 4.00
N TYR A 14 -1.06 -5.33 4.43
CA TYR A 14 -1.64 -4.79 5.65
C TYR A 14 -1.01 -5.40 6.92
N GLU A 15 -0.22 -6.46 6.80
CA GLU A 15 0.61 -7.00 7.88
C GLU A 15 1.95 -6.26 7.99
N LEU A 16 2.22 -5.27 7.11
CA LEU A 16 3.34 -4.36 7.26
C LEU A 16 3.08 -3.40 8.43
N PRO A 17 4.12 -2.81 9.06
CA PRO A 17 3.95 -1.86 10.14
C PRO A 17 3.07 -0.68 9.70
N GLU A 18 2.23 -0.19 10.61
CA GLU A 18 1.23 0.82 10.30
C GLU A 18 1.81 2.10 9.67
N ALA A 19 3.01 2.50 10.09
CA ALA A 19 3.68 3.65 9.49
C ALA A 19 4.19 3.36 8.08
N VAL A 20 4.61 2.12 7.79
CA VAL A 20 4.97 1.76 6.43
C VAL A 20 3.72 1.83 5.56
N GLN A 21 2.60 1.32 6.07
CA GLN A 21 1.35 1.34 5.33
C GLN A 21 1.01 2.77 4.93
N LYS A 22 1.00 3.66 5.92
CA LYS A 22 0.69 5.07 5.71
C LYS A 22 1.55 5.71 4.64
N GLU A 23 2.85 5.42 4.60
CA GLU A 23 3.72 6.02 3.59
C GLU A 23 3.33 5.50 2.20
N LEU A 24 3.06 4.19 2.06
CA LEU A 24 2.59 3.64 0.80
C LEU A 24 1.20 4.15 0.41
N LEU A 25 0.29 4.36 1.38
CA LEU A 25 -1.00 5.00 1.10
C LEU A 25 -0.75 6.41 0.54
N ALA A 26 0.17 7.15 1.17
CA ALA A 26 0.55 8.47 0.71
C ALA A 26 1.11 8.39 -0.69
N GLU A 27 2.00 7.43 -1.01
CA GLU A 27 2.55 7.23 -2.34
C GLU A 27 1.44 6.94 -3.34
N TRP A 28 0.52 6.04 -2.99
CA TRP A 28 -0.61 5.70 -3.82
C TRP A 28 -1.55 6.88 -4.03
N LYS A 29 -1.44 7.96 -3.24
CA LYS A 29 -2.11 9.24 -3.49
C LYS A 29 -1.16 10.31 -4.06
N ARG A 30 0.16 10.18 -3.98
CA ARG A 30 1.12 11.05 -4.67
C ARG A 30 1.06 10.77 -6.17
N THR A 31 0.95 9.50 -6.53
CA THR A 31 1.08 8.98 -7.89
C THR A 31 -0.17 9.22 -8.76
N GLY A 32 -0.93 10.30 -8.50
CA GLY A 32 -2.24 10.54 -9.11
C GLY A 32 -3.29 10.52 -8.01
#